data_6H56
#
_entry.id   6H56
#
_cell.length_a   78.310
_cell.length_b   78.310
_cell.length_c   115.344
_cell.angle_alpha   90.00
_cell.angle_beta   90.00
_cell.angle_gamma   120.00
#
_symmetry.space_group_name_H-M   'P 31'
#
loop_
_entity.id
_entity.type
_entity.pdbx_description
1 polymer 'Effector domain of Pseudomonas aeruginosa VgrG2b'
2 non-polymer 'ZINC ION'
#
_entity_poly.entity_id   1
_entity_poly.type   'polypeptide(L)'
_entity_poly.pdbx_seq_one_letter_code
;GSHMVGETQRRFVLKQLDGQTAMPNVPYTITMANGEVIEGVTDAEGATQLLQKDAMNIAKVDMKHTKSPASAVAGIAAAV
GAAVAVGKLLGGPDAEAGRALSEGEISLAKGVFGDSIDYSTVRLRDEDYVPWQGKDYVMAPNGHIYFGEELRGVADWSLE
SLQRQGLFIHEMTHVWQHQHGVNVLLVGAYQQARQFLLGDQYAYRLEPGKTLKDYNIEQQGDIVRDYFLAANAFGEASAN
SRFAGVLKNFPTGY
;
_entity_poly.pdbx_strand_id   A,B
#
# COMPACT_ATOMS: atom_id res chain seq x y z
N SER A 68 23.18 -1.95 -9.99
CA SER A 68 22.54 -0.64 -10.23
C SER A 68 21.38 -0.69 -11.28
N PRO A 69 21.48 -1.39 -12.47
CA PRO A 69 20.30 -1.46 -13.37
C PRO A 69 19.25 -2.41 -12.80
N ALA A 70 19.68 -3.24 -11.81
CA ALA A 70 18.87 -4.17 -11.02
C ALA A 70 17.95 -3.37 -10.09
N SER A 71 18.50 -2.28 -9.49
CA SER A 71 17.82 -1.36 -8.57
C SER A 71 16.71 -0.59 -9.25
N ALA A 72 16.89 -0.24 -10.55
CA ALA A 72 15.93 0.50 -11.37
C ALA A 72 14.59 -0.23 -11.55
N VAL A 73 14.62 -1.44 -12.18
CA VAL A 73 13.44 -2.31 -12.40
C VAL A 73 12.74 -2.56 -11.06
N ALA A 74 13.52 -2.92 -10.02
CA ALA A 74 13.03 -3.19 -8.67
C ALA A 74 12.33 -1.98 -8.06
N GLY A 75 13.05 -0.84 -8.00
CA GLY A 75 12.56 0.42 -7.45
C GLY A 75 11.27 0.92 -8.08
N ILE A 76 11.20 0.89 -9.44
CA ILE A 76 10.04 1.31 -10.22
C ILE A 76 8.84 0.39 -9.90
N ALA A 77 9.02 -0.95 -10.04
CA ALA A 77 7.98 -1.95 -9.73
C ALA A 77 7.47 -1.81 -8.29
N ALA A 78 8.37 -1.70 -7.28
CA ALA A 78 8.03 -1.52 -5.87
C ALA A 78 7.19 -0.24 -5.65
N ALA A 79 7.47 0.81 -6.44
CA ALA A 79 6.75 2.06 -6.38
C ALA A 79 5.34 1.94 -6.99
N VAL A 80 5.20 1.17 -8.09
CA VAL A 80 3.89 0.94 -8.71
C VAL A 80 3.07 -0.02 -7.84
N GLY A 81 3.73 -1.02 -7.25
CA GLY A 81 3.11 -2.00 -6.36
C GLY A 81 2.47 -1.32 -5.17
N ALA A 82 3.20 -0.37 -4.55
CA ALA A 82 2.74 0.46 -3.45
C ALA A 82 1.56 1.33 -3.88
N ALA A 83 1.54 1.78 -5.17
CA ALA A 83 0.45 2.60 -5.71
C ALA A 83 -0.81 1.77 -5.90
N VAL A 84 -0.70 0.53 -6.43
CA VAL A 84 -1.85 -0.36 -6.61
C VAL A 84 -2.46 -0.64 -5.22
N ALA A 85 -1.59 -0.87 -4.20
CA ALA A 85 -1.97 -1.12 -2.81
C ALA A 85 -2.82 -0.01 -2.20
N VAL A 86 -2.37 1.25 -2.32
CA VAL A 86 -3.06 2.45 -1.83
C VAL A 86 -4.38 2.64 -2.62
N GLY A 87 -4.32 2.36 -3.92
CA GLY A 87 -5.44 2.46 -4.84
C GLY A 87 -6.58 1.51 -4.48
N LYS A 88 -6.25 0.21 -4.33
CA LYS A 88 -7.17 -0.86 -3.95
C LYS A 88 -7.68 -0.64 -2.51
N LEU A 89 -6.75 -0.31 -1.58
CA LEU A 89 -7.04 -0.12 -0.14
C LEU A 89 -8.07 0.96 0.12
N LEU A 90 -7.70 2.25 -0.05
CA LEU A 90 -8.60 3.38 0.17
C LEU A 90 -9.27 3.86 -1.14
N GLY A 91 -9.70 2.90 -1.96
CA GLY A 91 -10.33 3.12 -3.26
C GLY A 91 -11.49 4.10 -3.31
N GLY A 92 -11.32 5.17 -4.08
CA GLY A 92 -12.32 6.20 -4.29
C GLY A 92 -12.55 7.13 -3.10
N PRO A 93 -12.63 8.47 -3.33
CA PRO A 93 -12.85 9.38 -2.20
C PRO A 93 -14.33 9.67 -1.89
N ASP A 94 -14.61 10.11 -0.65
CA ASP A 94 -15.97 10.48 -0.21
C ASP A 94 -16.34 11.85 -0.80
N ALA A 95 -17.24 11.83 -1.81
CA ALA A 95 -17.71 13.02 -2.53
C ALA A 95 -18.15 14.16 -1.60
N GLU A 96 -18.80 13.81 -0.47
CA GLU A 96 -19.32 14.74 0.55
C GLU A 96 -18.24 15.28 1.53
N ALA A 97 -17.03 14.64 1.56
CA ALA A 97 -15.94 15.03 2.46
C ALA A 97 -15.05 16.08 1.86
N GLY A 98 -14.40 16.85 2.74
CA GLY A 98 -13.47 17.89 2.36
C GLY A 98 -14.05 19.29 2.39
N ARG A 99 -14.19 19.89 1.21
CA ARG A 99 -14.67 21.27 0.97
C ARG A 99 -14.78 21.38 -0.57
N ALA A 100 -15.81 22.06 -1.10
CA ALA A 100 -15.91 22.18 -2.57
C ALA A 100 -15.30 23.49 -3.03
N LEU A 101 -14.91 23.58 -4.31
CA LEU A 101 -14.30 24.79 -4.88
C LEU A 101 -15.15 26.05 -4.65
N SER A 102 -14.49 27.17 -4.31
CA SER A 102 -15.16 28.46 -4.10
C SER A 102 -15.48 29.12 -5.46
N GLU A 103 -16.33 30.15 -5.44
CA GLU A 103 -16.76 30.91 -6.62
C GLU A 103 -15.53 31.43 -7.41
N GLY A 104 -14.59 32.05 -6.69
CA GLY A 104 -13.35 32.57 -7.26
C GLY A 104 -12.46 31.47 -7.82
N GLU A 105 -12.34 30.34 -7.08
CA GLU A 105 -11.56 29.17 -7.49
C GLU A 105 -12.12 28.54 -8.76
N ILE A 106 -13.48 28.43 -8.88
CA ILE A 106 -14.14 27.87 -10.07
C ILE A 106 -13.85 28.79 -11.24
N SER A 107 -13.92 30.11 -11.01
CA SER A 107 -13.62 31.11 -12.03
C SER A 107 -12.17 31.00 -12.49
N LEU A 108 -11.22 30.87 -11.52
CA LEU A 108 -9.78 30.78 -11.79
C LEU A 108 -9.47 29.62 -12.75
N ALA A 109 -9.92 28.41 -12.40
CA ALA A 109 -9.74 27.20 -13.17
C ALA A 109 -10.50 27.23 -14.49
N LYS A 110 -11.71 27.85 -14.51
CA LYS A 110 -12.52 27.96 -15.74
C LYS A 110 -11.76 28.69 -16.83
N GLY A 111 -10.96 29.68 -16.45
CA GLY A 111 -10.12 30.46 -17.35
C GLY A 111 -9.01 29.66 -18.00
N VAL A 112 -8.68 28.51 -17.39
CA VAL A 112 -7.67 27.61 -17.91
C VAL A 112 -8.34 26.41 -18.60
N PHE A 113 -9.04 25.58 -17.81
CA PHE A 113 -9.68 24.32 -18.23
C PHE A 113 -11.06 24.48 -18.88
N GLY A 114 -11.76 25.59 -18.60
CA GLY A 114 -13.08 25.84 -19.16
C GLY A 114 -14.14 24.89 -18.65
N ASP A 115 -14.95 24.34 -19.55
CA ASP A 115 -15.99 23.38 -19.20
C ASP A 115 -15.55 21.92 -19.42
N SER A 116 -14.21 21.70 -19.50
CA SER A 116 -13.62 20.35 -19.68
C SER A 116 -13.67 19.53 -18.39
N ILE A 117 -13.83 20.19 -17.23
CA ILE A 117 -13.91 19.49 -15.95
C ILE A 117 -15.16 19.87 -15.16
N ASP A 118 -15.75 18.87 -14.47
CA ASP A 118 -16.93 19.01 -13.61
C ASP A 118 -16.41 19.36 -12.23
N TYR A 119 -16.47 20.66 -11.91
CA TYR A 119 -15.96 21.26 -10.68
C TYR A 119 -16.71 20.80 -9.43
N SER A 120 -17.88 20.16 -9.63
CA SER A 120 -18.72 19.61 -8.58
C SER A 120 -17.97 18.45 -7.89
N THR A 121 -17.39 17.52 -8.68
CA THR A 121 -16.60 16.35 -8.29
C THR A 121 -15.40 16.74 -7.39
N VAL A 122 -14.65 17.78 -7.81
CA VAL A 122 -13.43 18.33 -7.19
C VAL A 122 -13.64 18.74 -5.74
N ARG A 123 -12.80 18.21 -4.82
CA ARG A 123 -12.90 18.49 -3.40
C ARG A 123 -11.54 18.81 -2.78
N LEU A 124 -11.46 19.91 -2.03
CA LEU A 124 -10.23 20.34 -1.39
C LEU A 124 -10.17 19.88 0.06
N ARG A 125 -9.40 18.82 0.31
CA ARG A 125 -9.26 18.23 1.64
C ARG A 125 -7.96 18.69 2.30
N ASP A 126 -8.06 19.32 3.50
CA ASP A 126 -6.90 19.80 4.26
C ASP A 126 -6.42 18.69 5.22
N GLU A 127 -6.05 17.55 4.62
CA GLU A 127 -5.58 16.30 5.22
C GLU A 127 -4.68 15.55 4.20
N ASP A 128 -3.68 14.79 4.69
CA ASP A 128 -2.76 14.01 3.84
C ASP A 128 -3.48 12.84 3.18
N TYR A 129 -3.07 12.48 1.95
CA TYR A 129 -3.63 11.34 1.22
C TYR A 129 -3.08 10.03 1.82
N VAL A 130 -1.80 10.07 2.23
CA VAL A 130 -0.99 8.98 2.78
C VAL A 130 -0.12 9.52 3.93
N PRO A 131 0.19 8.74 4.99
CA PRO A 131 1.03 9.29 6.08
C PRO A 131 2.44 9.75 5.66
N TRP A 132 3.00 9.17 4.58
CA TRP A 132 4.34 9.52 4.08
C TRP A 132 4.39 10.79 3.20
N GLN A 133 3.21 11.44 2.98
CA GLN A 133 3.12 12.69 2.23
C GLN A 133 3.76 13.79 3.09
N GLY A 134 4.58 14.62 2.45
CA GLY A 134 5.31 15.69 3.11
C GLY A 134 4.49 16.84 3.66
N LYS A 135 5.11 17.64 4.55
CA LYS A 135 4.51 18.84 5.19
C LYS A 135 4.30 19.92 4.11
N ASP A 136 5.31 20.09 3.24
CA ASP A 136 5.26 21.06 2.15
C ASP A 136 5.00 20.32 0.81
N TYR A 137 3.91 19.54 0.74
CA TYR A 137 3.58 18.76 -0.46
C TYR A 137 2.07 18.64 -0.65
N VAL A 138 1.62 18.41 -1.90
CA VAL A 138 0.20 18.33 -2.28
C VAL A 138 -0.04 17.12 -3.21
N MET A 139 -1.13 16.37 -2.99
CA MET A 139 -1.45 15.22 -3.83
C MET A 139 -2.82 15.33 -4.45
N ALA A 140 -2.98 14.84 -5.69
CA ALA A 140 -4.28 14.88 -6.40
C ALA A 140 -4.48 13.55 -7.18
N PRO A 141 -4.64 12.40 -6.46
CA PRO A 141 -4.70 11.10 -7.17
C PRO A 141 -6.05 10.62 -7.67
N ASN A 142 -7.12 11.00 -6.97
CA ASN A 142 -8.50 10.56 -7.22
C ASN A 142 -9.48 11.63 -7.73
N GLY A 143 -8.99 12.84 -8.02
CA GLY A 143 -9.85 13.93 -8.48
C GLY A 143 -10.30 14.83 -7.35
N HIS A 144 -9.59 14.73 -6.19
CA HIS A 144 -9.72 15.53 -4.97
C HIS A 144 -8.28 15.98 -4.67
N ILE A 145 -8.11 17.16 -4.07
CA ILE A 145 -6.78 17.70 -3.77
C ILE A 145 -6.50 17.60 -2.28
N TYR A 146 -5.38 16.99 -1.91
CA TYR A 146 -4.99 16.79 -0.53
C TYR A 146 -3.85 17.71 -0.16
N PHE A 147 -4.09 18.66 0.74
CA PHE A 147 -3.09 19.63 1.16
C PHE A 147 -2.27 19.21 2.37
N GLY A 148 -0.95 19.37 2.26
CA GLY A 148 -0.01 19.07 3.32
C GLY A 148 -0.12 19.99 4.51
N GLU A 149 0.69 19.75 5.55
CA GLU A 149 0.67 20.52 6.81
C GLU A 149 0.96 22.01 6.66
N GLU A 150 1.90 22.37 5.78
CA GLU A 150 2.28 23.77 5.56
C GLU A 150 1.38 24.52 4.55
N LEU A 151 0.45 23.81 3.90
CA LEU A 151 -0.46 24.38 2.90
C LEU A 151 -1.95 24.33 3.32
N ARG A 152 -2.20 24.36 4.64
CA ARG A 152 -3.54 24.27 5.23
C ARG A 152 -4.06 25.57 5.79
N GLY A 153 -5.35 25.80 5.58
CA GLY A 153 -6.06 26.99 6.06
C GLY A 153 -6.47 27.94 4.96
N VAL A 154 -6.13 27.60 3.70
CA VAL A 154 -6.46 28.41 2.53
C VAL A 154 -7.93 28.20 2.15
N ALA A 155 -8.79 29.19 2.45
CA ALA A 155 -10.23 29.18 2.16
C ALA A 155 -10.47 29.44 0.67
N ASP A 156 -9.74 30.40 0.08
CA ASP A 156 -9.85 30.73 -1.34
C ASP A 156 -8.46 30.90 -1.96
N TRP A 157 -8.13 29.98 -2.90
CA TRP A 157 -6.87 29.95 -3.64
C TRP A 157 -6.77 31.12 -4.62
N SER A 158 -7.92 31.60 -5.15
CA SER A 158 -8.02 32.74 -6.07
C SER A 158 -7.70 34.07 -5.39
N LEU A 159 -7.62 34.10 -4.04
CA LEU A 159 -7.32 35.32 -3.29
C LEU A 159 -5.94 35.23 -2.59
N GLU A 160 -5.08 34.35 -3.13
CA GLU A 160 -3.71 34.08 -2.71
C GLU A 160 -2.75 34.60 -3.80
N SER A 161 -1.42 34.61 -3.51
CA SER A 161 -0.37 35.06 -4.43
C SER A 161 -0.43 34.34 -5.80
N LEU A 162 0.10 34.97 -6.87
CA LEU A 162 0.07 34.39 -8.21
C LEU A 162 0.78 33.03 -8.25
N GLN A 163 1.88 32.89 -7.49
CA GLN A 163 2.61 31.63 -7.39
C GLN A 163 1.76 30.57 -6.67
N ARG A 164 1.02 31.01 -5.63
CA ARG A 164 0.09 30.11 -4.93
C ARG A 164 -1.06 29.70 -5.83
N GLN A 165 -1.50 30.59 -6.73
CA GLN A 165 -2.56 30.30 -7.69
C GLN A 165 -2.08 29.34 -8.76
N GLY A 166 -0.80 29.44 -9.11
CA GLY A 166 -0.16 28.59 -10.09
C GLY A 166 -0.11 27.15 -9.61
N LEU A 167 0.20 26.97 -8.30
CA LEU A 167 0.23 25.67 -7.61
C LEU A 167 -1.13 25.01 -7.76
N PHE A 168 -2.18 25.77 -7.48
CA PHE A 168 -3.57 25.34 -7.58
C PHE A 168 -3.95 24.91 -9.02
N ILE A 169 -3.42 25.60 -10.05
CA ILE A 169 -3.70 25.29 -11.47
C ILE A 169 -2.98 23.98 -11.84
N HIS A 170 -1.82 23.75 -11.20
CA HIS A 170 -1.02 22.55 -11.38
C HIS A 170 -1.84 21.33 -10.90
N GLU A 171 -2.27 21.35 -9.62
CA GLU A 171 -3.05 20.30 -9.00
C GLU A 171 -4.33 20.01 -9.76
N MET A 172 -4.93 21.05 -10.31
CA MET A 172 -6.12 21.01 -11.13
C MET A 172 -5.90 20.27 -12.49
N THR A 173 -4.65 20.23 -12.97
CA THR A 173 -4.29 19.55 -14.22
C THR A 173 -4.38 18.06 -14.00
N HIS A 174 -3.99 17.59 -12.78
CA HIS A 174 -4.10 16.19 -12.34
C HIS A 174 -5.56 15.82 -12.19
N VAL A 175 -6.37 16.78 -11.68
CA VAL A 175 -7.82 16.65 -11.54
C VAL A 175 -8.44 16.57 -12.96
N TRP A 176 -7.90 17.33 -13.92
CA TRP A 176 -8.32 17.32 -15.33
C TRP A 176 -7.93 16.00 -16.01
N GLN A 177 -6.73 15.50 -15.70
CA GLN A 177 -6.22 14.25 -16.26
C GLN A 177 -7.16 13.12 -15.84
N HIS A 178 -7.40 13.03 -14.52
CA HIS A 178 -8.26 12.06 -13.85
C HIS A 178 -9.65 12.01 -14.47
N GLN A 179 -10.22 13.20 -14.70
CA GLN A 179 -11.55 13.37 -15.30
C GLN A 179 -11.58 13.02 -16.79
N HIS A 180 -10.40 12.89 -17.40
CA HIS A 180 -10.30 12.57 -18.81
C HIS A 180 -9.82 11.10 -19.04
N GLY A 181 -9.83 10.29 -17.97
CA GLY A 181 -9.50 8.87 -18.00
C GLY A 181 -8.05 8.47 -17.73
N VAL A 182 -7.38 9.19 -16.82
CA VAL A 182 -5.99 8.92 -16.46
C VAL A 182 -5.91 8.42 -15.02
N ASN A 183 -5.13 7.34 -14.79
CA ASN A 183 -4.91 6.82 -13.45
C ASN A 183 -3.72 7.57 -12.86
N VAL A 184 -3.95 8.79 -12.38
CA VAL A 184 -2.92 9.67 -11.82
C VAL A 184 -2.15 9.01 -10.64
N LEU A 185 -2.77 8.02 -9.96
CA LEU A 185 -2.10 7.31 -8.89
C LEU A 185 -1.05 6.36 -9.44
N LEU A 186 -1.42 5.45 -10.36
CA LEU A 186 -0.47 4.50 -10.96
C LEU A 186 0.54 5.17 -11.88
N VAL A 187 0.02 5.87 -12.92
CA VAL A 187 0.81 6.57 -13.94
C VAL A 187 1.80 7.52 -13.27
N GLY A 188 1.34 8.21 -12.23
CA GLY A 188 2.15 9.14 -11.44
C GLY A 188 3.29 8.46 -10.72
N ALA A 189 2.98 7.43 -9.90
CA ALA A 189 3.95 6.64 -9.11
C ALA A 189 5.06 6.04 -9.96
N TYR A 190 4.69 5.55 -11.15
CA TYR A 190 5.57 4.95 -12.14
C TYR A 190 6.52 6.00 -12.70
N GLN A 191 5.98 7.10 -13.28
CA GLN A 191 6.77 8.18 -13.85
C GLN A 191 7.66 8.90 -12.83
N GLN A 192 7.19 9.10 -11.60
CA GLN A 192 7.96 9.74 -10.53
C GLN A 192 9.18 8.91 -10.14
N ALA A 193 9.00 7.57 -10.07
CA ALA A 193 10.05 6.61 -9.73
C ALA A 193 11.02 6.41 -10.88
N ARG A 194 10.48 6.34 -12.13
CA ARG A 194 11.26 6.17 -13.34
C ARG A 194 12.17 7.38 -13.55
N GLN A 195 11.67 8.63 -13.39
CA GLN A 195 12.53 9.80 -13.56
C GLN A 195 13.58 9.93 -12.45
N PHE A 196 13.33 9.35 -11.25
CA PHE A 196 14.27 9.39 -10.15
C PHE A 196 15.44 8.43 -10.35
N LEU A 197 15.14 7.14 -10.56
CA LEU A 197 16.13 6.08 -10.69
C LEU A 197 16.82 6.08 -12.05
N LEU A 198 16.08 6.40 -13.12
CA LEU A 198 16.61 6.50 -14.48
C LEU A 198 17.17 7.90 -14.75
N GLY A 199 17.31 8.69 -13.68
CA GLY A 199 17.88 10.04 -13.66
C GLY A 199 17.34 11.09 -14.62
N ASP A 200 16.27 10.78 -15.36
CA ASP A 200 15.66 11.67 -16.36
C ASP A 200 15.42 13.10 -15.81
N GLN A 201 15.74 14.14 -16.64
CA GLN A 201 15.58 15.57 -16.34
C GLN A 201 14.15 15.94 -15.86
N TYR A 202 14.07 16.58 -14.66
CA TYR A 202 12.81 16.99 -14.00
C TYR A 202 12.06 18.06 -14.77
N ALA A 203 12.81 19.02 -15.36
CA ALA A 203 12.28 20.12 -16.14
C ALA A 203 11.99 19.71 -17.59
N TYR A 204 10.77 19.98 -18.03
CA TYR A 204 10.32 19.70 -19.40
C TYR A 204 11.09 20.60 -20.38
N ARG A 205 11.15 20.20 -21.65
CA ARG A 205 11.79 20.99 -22.70
C ARG A 205 10.86 20.93 -23.90
N LEU A 206 10.25 22.07 -24.27
CA LEU A 206 9.31 22.15 -25.40
C LEU A 206 9.99 21.81 -26.72
N GLU A 207 9.31 21.00 -27.53
CA GLU A 207 9.83 20.53 -28.82
C GLU A 207 8.72 20.62 -29.88
N PRO A 208 9.05 20.96 -31.16
CA PRO A 208 8.01 21.02 -32.20
C PRO A 208 7.51 19.62 -32.56
N GLY A 209 6.19 19.47 -32.61
CA GLY A 209 5.53 18.20 -32.87
C GLY A 209 5.13 17.47 -31.60
N LYS A 210 5.67 17.92 -30.45
CA LYS A 210 5.37 17.35 -29.14
C LYS A 210 4.16 18.06 -28.56
N THR A 211 3.13 17.27 -28.25
CA THR A 211 1.87 17.70 -27.63
C THR A 211 1.98 17.39 -26.14
N LEU A 212 1.09 17.98 -25.30
CA LEU A 212 0.99 17.80 -23.84
C LEU A 212 1.06 16.32 -23.47
N LYS A 213 0.30 15.51 -24.21
CA LYS A 213 0.16 14.07 -24.01
C LYS A 213 1.46 13.28 -24.21
N ASP A 214 2.49 13.88 -24.82
CA ASP A 214 3.80 13.26 -25.01
C ASP A 214 4.78 13.50 -23.83
N TYR A 215 4.32 14.23 -22.79
CA TYR A 215 5.07 14.56 -21.57
C TYR A 215 4.54 13.72 -20.43
N ASN A 216 5.28 13.65 -19.31
CA ASN A 216 4.81 12.89 -18.15
C ASN A 216 3.75 13.72 -17.39
N ILE A 217 2.89 13.08 -16.58
CA ILE A 217 1.79 13.72 -15.84
C ILE A 217 2.24 14.92 -14.98
N GLU A 218 3.46 14.91 -14.41
CA GLU A 218 3.95 16.03 -13.58
C GLU A 218 4.38 17.19 -14.45
N GLN A 219 5.06 16.89 -15.58
CA GLN A 219 5.51 17.90 -16.55
C GLN A 219 4.27 18.53 -17.19
N GLN A 220 3.24 17.70 -17.51
CA GLN A 220 1.94 18.09 -18.05
C GLN A 220 1.42 19.27 -17.23
N GLY A 221 1.40 19.11 -15.90
CA GLY A 221 1.00 20.12 -14.92
C GLY A 221 1.89 21.34 -14.97
N ASP A 222 3.21 21.17 -14.81
CA ASP A 222 4.20 22.26 -14.88
C ASP A 222 3.95 23.14 -16.12
N ILE A 223 3.79 22.51 -17.31
CA ILE A 223 3.52 23.19 -18.58
C ILE A 223 2.28 24.10 -18.45
N VAL A 224 1.12 23.51 -18.08
CA VAL A 224 -0.17 24.19 -17.93
C VAL A 224 -0.07 25.36 -16.95
N ARG A 225 0.57 25.13 -15.78
CA ARG A 225 0.78 26.15 -14.75
C ARG A 225 1.62 27.29 -15.31
N ASP A 226 2.80 26.96 -15.89
CA ASP A 226 3.71 27.96 -16.50
C ASP A 226 3.01 28.76 -17.61
N TYR A 227 2.02 28.16 -18.30
CA TYR A 227 1.23 28.84 -19.32
C TYR A 227 0.37 29.90 -18.64
N PHE A 228 -0.42 29.47 -17.61
CA PHE A 228 -1.30 30.33 -16.82
C PHE A 228 -0.51 31.51 -16.25
N LEU A 229 0.71 31.25 -15.73
CA LEU A 229 1.55 32.29 -15.15
C LEU A 229 2.04 33.25 -16.21
N ALA A 230 2.38 32.74 -17.42
CA ALA A 230 2.82 33.58 -18.53
C ALA A 230 1.68 34.48 -19.02
N ALA A 231 0.46 33.92 -19.08
CA ALA A 231 -0.74 34.62 -19.50
C ALA A 231 -1.16 35.70 -18.50
N ASN A 232 -0.89 35.49 -17.20
CA ASN A 232 -1.24 36.46 -16.17
C ASN A 232 -0.17 37.53 -16.03
N ALA A 233 1.11 37.15 -16.22
CA ALA A 233 2.22 38.07 -16.07
C ALA A 233 2.55 38.90 -17.32
N PHE A 234 2.60 38.23 -18.50
CA PHE A 234 2.99 38.82 -19.78
C PHE A 234 1.86 38.89 -20.83
N GLY A 235 0.64 38.56 -20.42
CA GLY A 235 -0.54 38.61 -21.28
C GLY A 235 -0.69 37.40 -22.17
N GLU A 236 -1.90 37.19 -22.70
CA GLU A 236 -2.23 36.06 -23.59
C GLU A 236 -1.40 36.03 -24.87
N ALA A 237 -0.97 37.20 -25.37
CA ALA A 237 -0.15 37.33 -26.58
C ALA A 237 1.16 36.52 -26.47
N SER A 238 1.96 36.79 -25.42
CA SER A 238 3.25 36.16 -25.13
C SER A 238 3.08 34.70 -24.73
N ALA A 239 2.00 34.40 -23.99
CA ALA A 239 1.72 33.05 -23.53
C ALA A 239 1.30 32.12 -24.66
N ASN A 240 0.34 32.57 -25.49
CA ASN A 240 -0.17 31.77 -26.61
C ASN A 240 0.87 31.54 -27.70
N SER A 241 1.86 32.44 -27.88
CA SER A 241 2.92 32.25 -28.88
C SER A 241 3.83 31.06 -28.51
N ARG A 242 4.21 30.98 -27.24
CA ARG A 242 5.09 29.93 -26.74
C ARG A 242 4.40 28.58 -26.52
N PHE A 243 3.17 28.56 -25.98
CA PHE A 243 2.46 27.33 -25.63
C PHE A 243 1.41 26.80 -26.65
N ALA A 244 1.13 27.55 -27.76
CA ALA A 244 0.14 27.16 -28.80
C ALA A 244 0.34 25.76 -29.39
N GLY A 245 1.60 25.38 -29.57
CA GLY A 245 1.96 24.10 -30.15
C GLY A 245 1.62 22.93 -29.27
N VAL A 246 2.14 22.96 -28.03
CA VAL A 246 2.01 21.92 -27.02
C VAL A 246 0.56 21.69 -26.54
N LEU A 247 -0.32 22.71 -26.61
CA LEU A 247 -1.69 22.58 -26.13
C LEU A 247 -2.74 22.44 -27.24
N LYS A 248 -3.77 21.56 -27.01
CA LYS A 248 -4.93 21.29 -27.90
C LYS A 248 -6.20 20.90 -27.10
N ALA B 70 12.19 -11.05 -16.55
CA ALA B 70 11.80 -9.65 -16.43
C ALA B 70 10.64 -9.51 -15.44
N SER B 71 9.66 -10.42 -15.59
CA SER B 71 8.44 -10.53 -14.79
C SER B 71 8.75 -10.85 -13.34
N ALA B 72 9.78 -11.70 -13.09
CA ALA B 72 10.20 -12.16 -11.77
C ALA B 72 10.64 -11.01 -10.85
N VAL B 73 11.71 -10.27 -11.23
CA VAL B 73 12.26 -9.12 -10.50
C VAL B 73 11.14 -8.10 -10.24
N ALA B 74 10.36 -7.77 -11.30
CA ALA B 74 9.25 -6.84 -11.26
C ALA B 74 8.17 -7.28 -10.27
N GLY B 75 7.65 -8.50 -10.46
CA GLY B 75 6.60 -9.10 -9.64
C GLY B 75 6.93 -9.16 -8.17
N ILE B 76 8.17 -9.59 -7.82
CA ILE B 76 8.66 -9.69 -6.44
C ILE B 76 8.74 -8.31 -5.81
N ALA B 77 9.43 -7.34 -6.48
CA ALA B 77 9.55 -5.95 -6.01
C ALA B 77 8.19 -5.29 -5.80
N ALA B 78 7.25 -5.42 -6.78
CA ALA B 78 5.87 -4.90 -6.71
C ALA B 78 5.11 -5.47 -5.53
N ALA B 79 5.39 -6.75 -5.19
CA ALA B 79 4.77 -7.42 -4.06
C ALA B 79 5.32 -6.90 -2.72
N VAL B 80 6.64 -6.62 -2.65
CA VAL B 80 7.25 -6.07 -1.43
C VAL B 80 6.84 -4.60 -1.28
N GLY B 81 6.80 -3.86 -2.39
CA GLY B 81 6.39 -2.47 -2.43
C GLY B 81 4.99 -2.28 -1.86
N ALA B 82 4.06 -3.16 -2.29
CA ALA B 82 2.68 -3.21 -1.81
C ALA B 82 2.65 -3.55 -0.32
N ALA B 83 3.61 -4.37 0.17
CA ALA B 83 3.69 -4.74 1.59
C ALA B 83 4.15 -3.56 2.44
N VAL B 84 5.17 -2.80 1.97
CA VAL B 84 5.66 -1.62 2.69
C VAL B 84 4.50 -0.61 2.79
N ALA B 85 3.75 -0.42 1.68
CA ALA B 85 2.57 0.46 1.58
C ALA B 85 1.50 0.15 2.62
N VAL B 86 1.08 -1.13 2.74
CA VAL B 86 0.07 -1.60 3.70
C VAL B 86 0.61 -1.43 5.14
N GLY B 87 1.91 -1.72 5.30
CA GLY B 87 2.64 -1.60 6.56
C GLY B 87 2.65 -0.19 7.10
N LYS B 88 3.10 0.77 6.26
CA LYS B 88 3.18 2.20 6.56
C LYS B 88 1.76 2.79 6.73
N LEU B 89 0.83 2.43 5.80
CA LEU B 89 -0.55 2.92 5.78
C LEU B 89 -1.33 2.64 7.05
N LEU B 90 -1.72 1.37 7.27
CA LEU B 90 -2.47 0.96 8.47
C LEU B 90 -1.54 0.42 9.58
N GLY B 91 -0.40 1.10 9.77
CA GLY B 91 0.65 0.76 10.73
C GLY B 91 0.22 0.53 12.15
N GLY B 92 0.48 -0.68 12.64
CA GLY B 92 0.17 -1.13 13.99
C GLY B 92 -1.31 -1.35 14.25
N PRO B 93 -1.70 -2.47 14.88
CA PRO B 93 -3.14 -2.69 15.14
C PRO B 93 -3.63 -2.12 16.47
N ASP B 94 -4.97 -1.89 16.56
CA ASP B 94 -5.62 -1.38 17.76
C ASP B 94 -5.70 -2.51 18.80
N ALA B 95 -4.85 -2.42 19.86
CA ALA B 95 -4.75 -3.42 20.93
C ALA B 95 -6.11 -3.77 21.53
N GLU B 96 -7.02 -2.78 21.67
CA GLU B 96 -8.37 -2.90 22.23
C GLU B 96 -9.42 -3.48 21.25
N ALA B 97 -9.10 -3.53 19.94
CA ALA B 97 -10.00 -4.05 18.91
C ALA B 97 -9.87 -5.56 18.71
N GLY B 98 -10.95 -6.16 18.21
CA GLY B 98 -11.02 -7.57 17.92
C GLY B 98 -11.70 -8.40 18.99
N ARG B 99 -10.90 -9.24 19.67
CA ARG B 99 -11.29 -10.20 20.71
C ARG B 99 -9.98 -10.78 21.26
N ALA B 100 -9.85 -11.00 22.57
CA ALA B 100 -8.60 -11.58 23.10
C ALA B 100 -8.71 -13.09 23.20
N LEU B 101 -7.57 -13.81 23.23
CA LEU B 101 -7.54 -15.28 23.33
C LEU B 101 -8.34 -15.79 24.54
N SER B 102 -9.10 -16.88 24.33
CA SER B 102 -9.88 -17.51 25.40
C SER B 102 -8.98 -18.37 26.30
N GLU B 103 -9.49 -18.77 27.47
CA GLU B 103 -8.78 -19.60 28.45
C GLU B 103 -8.25 -20.89 27.82
N GLY B 104 -9.11 -21.58 27.06
CA GLY B 104 -8.76 -22.80 26.33
C GLY B 104 -7.73 -22.56 25.24
N GLU B 105 -7.88 -21.45 24.47
CA GLU B 105 -6.97 -21.02 23.41
C GLU B 105 -5.57 -20.72 23.98
N ILE B 106 -5.49 -20.01 25.14
CA ILE B 106 -4.22 -19.68 25.79
C ILE B 106 -3.55 -20.98 26.22
N SER B 107 -4.34 -21.92 26.77
CA SER B 107 -3.85 -23.23 27.18
C SER B 107 -3.32 -24.02 25.99
N LEU B 108 -4.07 -24.03 24.86
CA LEU B 108 -3.71 -24.73 23.63
C LEU B 108 -2.33 -24.32 23.13
N ALA B 109 -2.14 -23.00 22.93
CA ALA B 109 -0.89 -22.40 22.46
C ALA B 109 0.23 -22.54 23.48
N LYS B 110 -0.08 -22.46 24.79
CA LYS B 110 0.93 -22.59 25.86
C LYS B 110 1.63 -23.94 25.78
N GLY B 111 0.88 -24.97 25.39
CA GLY B 111 1.40 -26.33 25.21
C GLY B 111 2.40 -26.44 24.09
N VAL B 112 2.37 -25.48 23.16
CA VAL B 112 3.29 -25.43 22.02
C VAL B 112 4.40 -24.41 22.30
N PHE B 113 4.02 -23.12 22.37
CA PHE B 113 4.92 -21.96 22.52
C PHE B 113 5.36 -21.67 23.96
N GLY B 114 4.58 -22.09 24.95
CA GLY B 114 4.89 -21.87 26.36
C GLY B 114 4.79 -20.41 26.75
N ASP B 115 5.80 -19.91 27.47
CA ASP B 115 5.85 -18.51 27.90
C ASP B 115 6.72 -17.65 26.98
N SER B 116 6.97 -18.14 25.73
CA SER B 116 7.76 -17.41 24.71
C SER B 116 6.97 -16.26 24.09
N ILE B 117 5.62 -16.29 24.19
CA ILE B 117 4.77 -15.22 23.66
C ILE B 117 3.81 -14.65 24.71
N ASP B 118 3.60 -13.31 24.62
CA ASP B 118 2.69 -12.56 25.50
C ASP B 118 1.33 -12.60 24.82
N TYR B 119 0.47 -13.49 25.33
CA TYR B 119 -0.87 -13.78 24.82
C TYR B 119 -1.85 -12.60 24.97
N SER B 120 -1.46 -11.60 25.78
CA SER B 120 -2.20 -10.37 26.04
C SER B 120 -2.28 -9.55 24.73
N THR B 121 -1.12 -9.38 24.05
CA THR B 121 -0.92 -8.67 22.77
C THR B 121 -1.84 -9.22 21.66
N VAL B 122 -1.86 -10.57 21.52
CA VAL B 122 -2.60 -11.37 20.52
C VAL B 122 -4.10 -11.06 20.51
N ARG B 123 -4.65 -10.72 19.34
CA ARG B 123 -6.07 -10.39 19.17
C ARG B 123 -6.68 -11.07 17.95
N LEU B 124 -7.82 -11.72 18.12
CA LEU B 124 -8.52 -12.43 17.05
C LEU B 124 -9.62 -11.57 16.44
N ARG B 125 -9.34 -11.01 15.28
CA ARG B 125 -10.26 -10.14 14.57
C ARG B 125 -10.98 -10.89 13.44
N ASP B 126 -12.33 -10.92 13.47
CA ASP B 126 -13.16 -11.59 12.44
C ASP B 126 -13.51 -10.59 11.33
N GLU B 127 -12.45 -10.07 10.70
CA GLU B 127 -12.42 -9.07 9.62
C GLU B 127 -11.11 -9.26 8.81
N ASP B 128 -11.16 -8.94 7.49
CA ASP B 128 -9.99 -9.05 6.59
C ASP B 128 -8.94 -8.00 6.92
N TYR B 129 -7.66 -8.33 6.72
CA TYR B 129 -6.53 -7.41 6.94
C TYR B 129 -6.47 -6.41 5.79
N VAL B 130 -6.78 -6.90 4.58
CA VAL B 130 -6.75 -6.21 3.29
C VAL B 130 -7.97 -6.65 2.44
N PRO B 131 -8.57 -5.79 1.58
CA PRO B 131 -9.72 -6.25 0.79
C PRO B 131 -9.46 -7.44 -0.15
N TRP B 132 -8.19 -7.62 -0.60
CA TRP B 132 -7.81 -8.71 -1.51
C TRP B 132 -7.57 -10.06 -0.81
N GLN B 133 -7.73 -10.12 0.54
CA GLN B 133 -7.61 -11.34 1.33
C GLN B 133 -8.81 -12.24 0.98
N GLY B 134 -8.52 -13.52 0.77
CA GLY B 134 -9.52 -14.52 0.38
C GLY B 134 -10.57 -14.86 1.43
N LYS B 135 -11.68 -15.49 0.98
CA LYS B 135 -12.80 -15.95 1.81
C LYS B 135 -12.32 -17.09 2.71
N ASP B 136 -11.54 -18.02 2.14
CA ASP B 136 -10.99 -19.15 2.86
C ASP B 136 -9.49 -18.90 3.13
N TYR B 137 -9.16 -17.72 3.73
CA TYR B 137 -7.76 -17.34 4.05
C TYR B 137 -7.63 -16.63 5.39
N VAL B 138 -6.46 -16.70 6.01
CA VAL B 138 -6.18 -16.11 7.32
C VAL B 138 -4.84 -15.36 7.28
N MET B 139 -4.78 -14.15 7.87
CA MET B 139 -3.54 -13.37 7.90
C MET B 139 -3.13 -13.04 9.33
N ALA B 140 -1.81 -13.00 9.59
CA ALA B 140 -1.27 -12.68 10.92
C ALA B 140 0.00 -11.79 10.74
N PRO B 141 -0.14 -10.53 10.21
CA PRO B 141 1.06 -9.72 9.92
C PRO B 141 1.65 -8.88 11.04
N ASN B 142 0.79 -8.43 11.96
CA ASN B 142 1.12 -7.51 13.05
C ASN B 142 1.04 -8.08 14.47
N GLY B 143 0.81 -9.39 14.62
CA GLY B 143 0.69 -10.02 15.93
C GLY B 143 -0.74 -10.12 16.40
N HIS B 144 -1.69 -9.96 15.45
CA HIS B 144 -3.16 -10.11 15.56
C HIS B 144 -3.54 -11.03 14.42
N ILE B 145 -4.58 -11.85 14.60
CA ILE B 145 -5.01 -12.82 13.57
C ILE B 145 -6.30 -12.34 12.90
N TYR B 146 -6.29 -12.26 11.58
CA TYR B 146 -7.42 -11.78 10.80
C TYR B 146 -8.07 -12.94 10.08
N PHE B 147 -9.32 -13.27 10.44
CA PHE B 147 -10.04 -14.38 9.84
C PHE B 147 -10.90 -14.00 8.65
N GLY B 148 -10.80 -14.80 7.59
CA GLY B 148 -11.54 -14.63 6.35
C GLY B 148 -13.02 -14.90 6.52
N GLU B 149 -13.80 -14.72 5.44
CA GLU B 149 -15.26 -14.88 5.43
C GLU B 149 -15.76 -16.28 5.82
N GLU B 150 -15.06 -17.33 5.37
CA GLU B 150 -15.44 -18.72 5.66
C GLU B 150 -14.92 -19.25 7.02
N LEU B 151 -14.08 -18.45 7.73
CA LEU B 151 -13.50 -18.83 9.02
C LEU B 151 -13.95 -17.94 10.19
N ARG B 152 -15.17 -17.37 10.07
CA ARG B 152 -15.77 -16.46 11.05
C ARG B 152 -16.87 -17.05 11.91
N GLY B 153 -16.86 -16.69 13.19
CA GLY B 153 -17.86 -17.13 14.17
C GLY B 153 -17.31 -18.08 15.21
N VAL B 154 -16.02 -18.40 15.12
CA VAL B 154 -15.33 -19.30 16.04
C VAL B 154 -14.99 -18.55 17.34
N ALA B 155 -15.75 -18.83 18.42
CA ALA B 155 -15.57 -18.23 19.73
C ALA B 155 -14.37 -18.84 20.46
N ASP B 156 -14.21 -20.18 20.37
CA ASP B 156 -13.09 -20.89 20.98
C ASP B 156 -12.52 -21.91 20.00
N TRP B 157 -11.26 -21.67 19.57
CA TRP B 157 -10.49 -22.53 18.65
C TRP B 157 -10.13 -23.86 19.29
N SER B 158 -9.92 -23.87 20.64
CA SER B 158 -9.61 -25.07 21.43
C SER B 158 -10.79 -26.06 21.52
N LEU B 159 -12.00 -25.62 21.13
CA LEU B 159 -13.20 -26.46 21.16
C LEU B 159 -13.72 -26.78 19.75
N GLU B 160 -12.79 -26.71 18.76
CA GLU B 160 -12.97 -27.00 17.33
C GLU B 160 -12.17 -28.26 16.98
N SER B 161 -12.36 -28.79 15.75
CA SER B 161 -11.67 -29.99 15.26
C SER B 161 -10.12 -29.88 15.36
N LEU B 162 -9.42 -31.03 15.42
CA LEU B 162 -7.95 -31.03 15.54
C LEU B 162 -7.29 -30.29 14.38
N GLN B 163 -7.86 -30.43 13.17
CA GLN B 163 -7.35 -29.72 11.99
C GLN B 163 -7.57 -28.21 12.13
N ARG B 164 -8.74 -27.81 12.72
CA ARG B 164 -9.06 -26.40 12.99
C ARG B 164 -8.17 -25.83 14.10
N GLN B 165 -7.69 -26.70 15.01
CA GLN B 165 -6.77 -26.31 16.08
C GLN B 165 -5.35 -26.17 15.52
N GLY B 166 -5.01 -26.98 14.53
CA GLY B 166 -3.72 -26.96 13.87
C GLY B 166 -3.53 -25.66 13.12
N LEU B 167 -4.61 -25.19 12.44
CA LEU B 167 -4.64 -23.92 11.70
C LEU B 167 -4.29 -22.79 12.66
N PHE B 168 -4.93 -22.78 13.83
CA PHE B 168 -4.73 -21.83 14.90
C PHE B 168 -3.29 -21.83 15.42
N ILE B 169 -2.63 -23.01 15.49
CA ILE B 169 -1.23 -23.14 15.96
C ILE B 169 -0.30 -22.57 14.89
N HIS B 170 -0.65 -22.76 13.60
CA HIS B 170 0.11 -22.27 12.45
C HIS B 170 0.17 -20.74 12.47
N GLU B 171 -1.01 -20.09 12.67
CA GLU B 171 -1.17 -18.63 12.71
C GLU B 171 -0.41 -18.03 13.88
N MET B 172 -0.44 -18.74 14.98
CA MET B 172 0.24 -18.44 16.23
C MET B 172 1.79 -18.45 16.06
N THR B 173 2.34 -19.23 15.08
CA THR B 173 3.78 -19.32 14.79
C THR B 173 4.27 -17.99 14.26
N HIS B 174 3.46 -17.33 13.38
CA HIS B 174 3.72 -16.00 12.81
C HIS B 174 3.64 -14.98 13.94
N VAL B 175 2.60 -15.12 14.84
CA VAL B 175 2.41 -14.28 16.02
C VAL B 175 3.67 -14.43 16.92
N TRP B 176 4.23 -15.65 16.99
CA TRP B 176 5.46 -15.96 17.71
C TRP B 176 6.67 -15.34 17.01
N GLN B 177 6.70 -15.36 15.65
CA GLN B 177 7.79 -14.78 14.86
C GLN B 177 7.83 -13.26 15.04
N HIS B 178 6.64 -12.61 14.90
CA HIS B 178 6.44 -11.18 15.07
C HIS B 178 6.97 -10.73 16.44
N GLN B 179 6.63 -11.51 17.51
CA GLN B 179 7.02 -11.26 18.90
C GLN B 179 8.52 -11.52 19.15
N HIS B 180 9.18 -12.21 18.21
CA HIS B 180 10.60 -12.53 18.31
C HIS B 180 11.46 -11.73 17.32
N GLY B 181 10.86 -10.69 16.71
CA GLY B 181 11.55 -9.75 15.83
C GLY B 181 11.54 -10.03 14.34
N VAL B 182 10.42 -10.54 13.82
CA VAL B 182 10.29 -10.84 12.39
C VAL B 182 9.23 -9.93 11.76
N ASN B 183 9.54 -9.37 10.58
CA ASN B 183 8.58 -8.54 9.85
C ASN B 183 7.78 -9.48 8.94
N VAL B 184 6.80 -10.18 9.53
CA VAL B 184 5.92 -11.14 8.84
C VAL B 184 5.31 -10.52 7.57
N LEU B 185 5.01 -9.21 7.61
CA LEU B 185 4.42 -8.53 6.47
C LEU B 185 5.37 -8.46 5.29
N LEU B 186 6.57 -7.89 5.48
CA LEU B 186 7.57 -7.77 4.40
C LEU B 186 8.15 -9.11 3.98
N VAL B 187 8.78 -9.83 4.95
CA VAL B 187 9.43 -11.14 4.77
C VAL B 187 8.45 -12.10 4.09
N GLY B 188 7.20 -12.08 4.54
CA GLY B 188 6.12 -12.89 4.00
C GLY B 188 5.82 -12.61 2.55
N ALA B 189 5.50 -11.33 2.24
CA ALA B 189 5.17 -10.85 0.88
C ALA B 189 6.24 -11.18 -0.16
N TYR B 190 7.52 -11.06 0.25
CA TYR B 190 8.70 -11.33 -0.55
C TYR B 190 8.78 -12.82 -0.88
N GLN B 191 8.82 -13.65 0.19
CA GLN B 191 8.90 -15.11 0.09
C GLN B 191 7.74 -15.72 -0.68
N GLN B 192 6.50 -15.25 -0.45
CA GLN B 192 5.26 -15.71 -1.12
C GLN B 192 5.32 -15.44 -2.63
N ALA B 193 5.81 -14.24 -3.03
CA ALA B 193 5.92 -13.81 -4.42
C ALA B 193 7.08 -14.51 -5.12
N ARG B 194 8.21 -14.68 -4.40
CA ARG B 194 9.39 -15.36 -4.91
C ARG B 194 9.06 -16.83 -5.20
N GLN B 195 8.33 -17.51 -4.27
CA GLN B 195 7.88 -18.90 -4.41
C GLN B 195 6.87 -19.11 -5.56
N PHE B 196 6.14 -18.05 -5.93
CA PHE B 196 5.14 -18.09 -7.00
C PHE B 196 5.76 -17.92 -8.38
N LEU B 197 6.52 -16.84 -8.57
CA LEU B 197 7.14 -16.48 -9.85
C LEU B 197 8.37 -17.32 -10.18
N LEU B 198 9.18 -17.65 -9.16
CA LEU B 198 10.37 -18.48 -9.30
C LEU B 198 10.03 -19.97 -9.16
N GLY B 199 8.75 -20.30 -8.98
CA GLY B 199 8.23 -21.65 -8.84
C GLY B 199 8.98 -22.57 -7.91
N ASP B 200 9.50 -22.03 -6.77
CA ASP B 200 10.24 -22.81 -5.78
C ASP B 200 9.27 -23.63 -4.92
N GLN B 201 9.73 -24.83 -4.45
CA GLN B 201 8.95 -25.78 -3.64
C GLN B 201 8.40 -25.19 -2.33
N TYR B 202 7.08 -24.96 -2.31
CA TYR B 202 6.35 -24.42 -1.16
C TYR B 202 6.39 -25.41 0.00
N ALA B 203 6.18 -26.72 -0.29
CA ALA B 203 6.17 -27.80 0.70
C ALA B 203 7.58 -28.08 1.21
N TYR B 204 7.75 -27.93 2.54
CA TYR B 204 9.03 -28.18 3.23
C TYR B 204 9.34 -29.68 3.21
N ARG B 205 10.65 -29.99 3.22
CA ARG B 205 11.21 -31.33 3.26
C ARG B 205 12.32 -31.26 4.30
N LEU B 206 12.15 -32.00 5.41
CA LEU B 206 13.11 -32.00 6.52
C LEU B 206 14.48 -32.49 6.11
N GLU B 207 15.51 -31.76 6.56
CA GLU B 207 16.90 -32.08 6.26
C GLU B 207 17.77 -32.02 7.53
N PRO B 208 18.76 -32.94 7.69
CA PRO B 208 19.61 -32.88 8.89
C PRO B 208 20.55 -31.68 8.82
N GLY B 209 20.64 -30.94 9.92
CA GLY B 209 21.45 -29.72 10.00
C GLY B 209 20.65 -28.47 9.74
N LYS B 210 19.42 -28.64 9.20
CA LYS B 210 18.50 -27.54 8.92
C LYS B 210 17.65 -27.30 10.15
N THR B 211 17.74 -26.08 10.68
CA THR B 211 16.97 -25.61 11.83
C THR B 211 15.74 -24.89 11.29
N LEU B 212 14.70 -24.72 12.11
CA LEU B 212 13.45 -24.07 11.75
C LEU B 212 13.72 -22.73 11.03
N LYS B 213 14.67 -21.93 11.55
CA LYS B 213 15.06 -20.62 11.02
C LYS B 213 15.62 -20.67 9.58
N ASP B 214 15.97 -21.84 9.05
CA ASP B 214 16.46 -22.02 7.68
C ASP B 214 15.31 -22.27 6.66
N TYR B 215 14.04 -22.20 7.12
CA TYR B 215 12.84 -22.42 6.31
C TYR B 215 12.03 -21.11 6.23
N ASN B 216 11.20 -20.94 5.15
CA ASN B 216 10.30 -19.77 4.93
C ASN B 216 9.50 -19.48 6.19
N ILE B 217 9.10 -18.22 6.45
CA ILE B 217 8.22 -17.93 7.59
C ILE B 217 6.95 -18.82 7.53
N GLU B 218 6.48 -19.18 6.30
CA GLU B 218 5.32 -20.04 6.07
C GLU B 218 5.61 -21.50 6.41
N GLN B 219 6.75 -22.05 5.90
CA GLN B 219 7.19 -23.42 6.21
C GLN B 219 7.31 -23.55 7.72
N GLN B 220 7.92 -22.54 8.39
CA GLN B 220 8.05 -22.47 9.86
C GLN B 220 6.70 -22.70 10.53
N GLY B 221 5.64 -22.08 10.00
CA GLY B 221 4.27 -22.25 10.48
C GLY B 221 3.76 -23.68 10.32
N ASP B 222 3.99 -24.28 9.13
CA ASP B 222 3.56 -25.64 8.80
C ASP B 222 4.28 -26.67 9.68
N ILE B 223 5.62 -26.55 9.80
CA ILE B 223 6.49 -27.42 10.60
C ILE B 223 5.98 -27.52 12.04
N VAL B 224 5.74 -26.36 12.69
CA VAL B 224 5.26 -26.27 14.06
C VAL B 224 3.86 -26.89 14.20
N ARG B 225 2.95 -26.58 13.26
CA ARG B 225 1.59 -27.11 13.23
C ARG B 225 1.63 -28.63 13.07
N ASP B 226 2.35 -29.13 12.04
CA ASP B 226 2.50 -30.57 11.78
C ASP B 226 3.09 -31.31 12.98
N TYR B 227 3.95 -30.62 13.78
CA TYR B 227 4.52 -31.18 15.00
C TYR B 227 3.40 -31.37 16.02
N PHE B 228 2.63 -30.30 16.30
CA PHE B 228 1.51 -30.28 17.23
C PHE B 228 0.51 -31.39 16.87
N LEU B 229 0.20 -31.54 15.56
CA LEU B 229 -0.72 -32.57 15.07
C LEU B 229 -0.16 -33.97 15.29
N ALA B 230 1.16 -34.15 15.07
CA ALA B 230 1.82 -35.45 15.29
C ALA B 230 1.81 -35.81 16.77
N ALA B 231 2.05 -34.82 17.64
CA ALA B 231 2.06 -35.00 19.09
C ALA B 231 0.66 -35.30 19.65
N ASN B 232 -0.39 -34.79 19.00
CA ASN B 232 -1.77 -35.03 19.44
C ASN B 232 -2.30 -36.35 18.87
N ALA B 233 -1.89 -36.70 17.65
CA ALA B 233 -2.36 -37.92 16.98
C ALA B 233 -1.56 -39.18 17.32
N PHE B 234 -0.22 -39.10 17.30
CA PHE B 234 0.70 -40.22 17.51
C PHE B 234 1.54 -40.14 18.81
N GLY B 235 1.24 -39.16 19.66
CA GLY B 235 1.94 -38.97 20.94
C GLY B 235 3.26 -38.24 20.79
N GLU B 236 3.77 -37.70 21.91
CA GLU B 236 5.03 -36.97 21.95
C GLU B 236 6.24 -37.81 21.52
N ALA B 237 6.20 -39.13 21.74
CA ALA B 237 7.27 -40.06 21.36
C ALA B 237 7.60 -39.99 19.86
N SER B 238 6.58 -40.19 19.01
CA SER B 238 6.67 -40.19 17.55
C SER B 238 6.92 -38.78 17.00
N ALA B 239 6.33 -37.76 17.64
CA ALA B 239 6.48 -36.37 17.25
C ALA B 239 7.89 -35.86 17.52
N ASN B 240 8.40 -36.06 18.75
CA ASN B 240 9.74 -35.59 19.14
C ASN B 240 10.86 -36.30 18.39
N SER B 241 10.67 -37.55 17.93
CA SER B 241 11.70 -38.26 17.16
C SER B 241 11.92 -37.60 15.78
N ARG B 242 10.83 -37.25 15.10
CA ARG B 242 10.87 -36.63 13.78
C ARG B 242 11.23 -35.14 13.79
N PHE B 243 10.71 -34.35 14.74
CA PHE B 243 10.90 -32.90 14.79
C PHE B 243 12.00 -32.36 15.74
N ALA B 244 12.67 -33.23 16.54
CA ALA B 244 13.74 -32.84 17.49
C ALA B 244 14.89 -32.04 16.87
N GLY B 245 15.24 -32.38 15.64
CA GLY B 245 16.30 -31.73 14.87
C GLY B 245 15.98 -30.30 14.51
N VAL B 246 14.87 -30.08 13.74
CA VAL B 246 14.47 -28.75 13.28
C VAL B 246 14.18 -27.76 14.42
N LEU B 247 13.65 -28.25 15.56
CA LEU B 247 13.25 -27.33 16.63
C LEU B 247 14.28 -27.14 17.76
N LYS B 248 14.41 -25.85 18.21
CA LYS B 248 15.23 -25.32 19.31
C LYS B 248 14.68 -23.98 19.81
#